data_8C0I
#
_entry.id   8C0I
#
_cell.length_a   49.710
_cell.length_b   74.851
_cell.length_c   146.595
_cell.angle_alpha   90.000
_cell.angle_beta   90.000
_cell.angle_gamma   90.000
#
_symmetry.space_group_name_H-M   'P 21 21 21'
#
loop_
_entity.id
_entity.type
_entity.pdbx_description
1 polymer 'Isoaspartyl peptidase subunit alpha'
2 polymer 'Isoaspartyl peptidase subunit beta'
3 polymer 'Isoaspartyl peptidase subunit beta'
4 non-polymer 'SODIUM ION'
5 non-polymer 'MAGNESIUM ION'
6 non-polymer 'CHLORIDE ION'
7 water water
#
loop_
_entity_poly.entity_id
_entity_poly.type
_entity_poly.pdbx_seq_one_letter_code
_entity_poly.pdbx_strand_id
1 'polypeptide(L)'
;MGKAVIAIHGGAGAISRAQMSLQQELRYIEALSAIVETGQKMLEAGESALDVVTEAVRLLEECPLFNAGIGAVFTRDETH
ELDACVMDGNTLKAGAVAGVSHLRNPVLAARLVMEQSPHVMMIGEGAENFAFARGMERVSPEIFSTSLRYEQLLAARKEG
ATVLDHSGAPLDEKQKMG
;
AAA,CCC
2 'polypeptide(L)'
;TVGAVALDLDGNLAAATSTGGLTNKLPGRVGDSPLVGAGCYANNASVAVSCTGTGEVFIRALAAYDIAALMDYGGLSLAE
ACERVVMEKLPALGGSGGLIAIDHEGNVALPFNTEGMYRAWGYAGDTPTTGIYREKGDTVATQ
;
BBB
3 'polypeptide(L)'
;(AEI)VGAVALDLDGNLAAATSTGGLTNKLPGRVGDSPLVGAGCYANNASVAVSCTGTGEVFIRALAAYDIAALMDYGGL
SLAEACERVVMEKLPALGGSGGLIAIDHEGNVALPFNTEGMYRAWGYAGDTPTTGIYREKGDTVATQ
;
DDD
#
loop_
_chem_comp.id
_chem_comp.type
_chem_comp.name
_chem_comp.formula
CL non-polymer 'CHLORIDE ION' 'Cl -1'
MG non-polymer 'MAGNESIUM ION' 'Mg 2'
NA non-polymer 'SODIUM ION' 'Na 1'
#
# COMPACT_ATOMS: atom_id res chain seq x y z
N GLY A 2 -24.80 -3.17 -13.29
CA GLY A 2 -25.43 -1.84 -13.40
C GLY A 2 -24.98 -1.09 -14.63
N LYS A 3 -25.66 0.03 -14.90
CA LYS A 3 -25.58 0.85 -16.15
C LYS A 3 -24.22 1.58 -16.19
N ALA A 4 -23.59 1.60 -17.36
CA ALA A 4 -22.16 1.90 -17.55
C ALA A 4 -21.86 3.37 -17.26
N VAL A 5 -20.71 3.65 -16.66
CA VAL A 5 -20.42 5.01 -16.13
C VAL A 5 -18.92 5.19 -15.88
N ILE A 6 -18.47 6.41 -16.01
CA ILE A 6 -17.07 6.81 -15.70
C ILE A 6 -17.09 8.05 -14.82
N ALA A 7 -16.17 8.12 -13.86
CA ALA A 7 -15.78 9.38 -13.21
C ALA A 7 -14.26 9.53 -13.32
N ILE A 8 -13.80 10.77 -13.35
CA ILE A 8 -12.36 11.10 -13.37
C ILE A 8 -12.12 12.24 -12.35
N HIS A 9 -10.87 12.42 -11.94
CA HIS A 9 -10.48 13.61 -11.18
C HIS A 9 -9.07 14.00 -11.64
N GLY A 10 -8.74 15.27 -11.46
CA GLY A 10 -7.39 15.82 -11.62
C GLY A 10 -6.92 16.46 -10.34
N GLY A 11 -7.34 15.91 -9.21
CA GLY A 11 -6.80 16.25 -7.88
C GLY A 11 -7.72 17.15 -7.10
N ALA A 12 -7.64 17.02 -5.78
CA ALA A 12 -8.39 17.87 -4.83
C ALA A 12 -7.40 18.78 -4.14
N GLY A 13 -7.86 19.96 -3.74
CA GLY A 13 -7.02 20.92 -3.01
C GLY A 13 -7.72 22.24 -2.84
N ALA A 14 -7.01 23.23 -2.32
CA ALA A 14 -7.60 24.58 -2.11
C ALA A 14 -7.63 25.28 -3.46
N ILE A 15 -8.19 24.61 -4.46
CA ILE A 15 -8.37 25.30 -5.77
C ILE A 15 -9.23 26.49 -5.40
N SER A 16 -8.74 27.70 -5.54
CA SER A 16 -9.57 28.83 -5.05
C SER A 16 -10.03 29.62 -6.27
N ARG A 17 -11.25 30.16 -6.25
CA ARG A 17 -11.76 31.03 -7.33
C ARG A 17 -10.90 32.31 -7.39
N ALA A 18 -10.39 32.80 -6.25
CA ALA A 18 -9.72 34.11 -6.06
C ALA A 18 -8.25 34.07 -6.52
N GLN A 19 -7.91 33.09 -7.36
CA GLN A 19 -6.58 32.90 -7.99
C GLN A 19 -6.78 32.57 -9.47
N MET A 20 -7.80 31.76 -9.77
CA MET A 20 -8.08 31.30 -11.15
C MET A 20 -8.98 32.33 -11.84
N SER A 21 -8.67 32.63 -13.10
CA SER A 21 -9.55 33.36 -14.05
C SER A 21 -10.57 32.39 -14.65
N LEU A 22 -11.64 32.93 -15.23
CA LEU A 22 -12.65 32.09 -15.91
C LEU A 22 -11.96 31.32 -17.04
N GLN A 23 -11.09 31.98 -17.79
CA GLN A 23 -10.36 31.39 -18.95
C GLN A 23 -9.50 30.20 -18.47
N GLN A 24 -8.84 30.35 -17.33
CA GLN A 24 -8.04 29.24 -16.72
C GLN A 24 -8.99 28.09 -16.36
N GLU A 25 -10.09 28.42 -15.68
CA GLU A 25 -11.11 27.44 -15.25
C GLU A 25 -11.66 26.68 -16.46
N LEU A 26 -11.90 27.35 -17.59
CA LEU A 26 -12.53 26.70 -18.78
C LEU A 26 -11.57 25.70 -19.45
N ARG A 27 -10.27 25.96 -19.35
CA ARG A 27 -9.24 25.03 -19.88
C ARG A 27 -9.37 23.72 -19.11
N TYR A 28 -9.49 23.80 -17.78
CA TYR A 28 -9.68 22.63 -16.88
C TYR A 28 -10.99 21.92 -17.22
N ILE A 29 -12.05 22.69 -17.48
CA ILE A 29 -13.41 22.12 -17.77
C ILE A 29 -13.36 21.40 -19.13
N GLU A 30 -12.74 22.00 -20.15
CA GLU A 30 -12.68 21.39 -21.49
C GLU A 30 -11.81 20.13 -21.44
N ALA A 31 -10.67 20.18 -20.74
CA ALA A 31 -9.79 19.03 -20.48
C ALA A 31 -10.63 17.88 -19.89
N LEU A 32 -11.14 18.08 -18.69
CA LEU A 32 -12.00 17.10 -17.98
C LEU A 32 -13.06 16.60 -18.96
N SER A 33 -13.76 17.52 -19.64
CA SER A 33 -14.90 17.18 -20.54
C SER A 33 -14.45 16.24 -21.65
N ALA A 34 -13.34 16.53 -22.33
CA ALA A 34 -12.82 15.76 -23.47
C ALA A 34 -12.44 14.34 -23.02
N ILE A 35 -11.89 14.24 -21.81
CA ILE A 35 -11.36 12.95 -21.29
C ILE A 35 -12.55 12.10 -20.82
N VAL A 36 -13.45 12.65 -20.03
CA VAL A 36 -14.64 11.89 -19.58
C VAL A 36 -15.44 11.48 -20.82
N GLU A 37 -15.52 12.31 -21.87
CA GLU A 37 -16.28 11.98 -23.11
C GLU A 37 -15.62 10.82 -23.88
N THR A 38 -14.31 10.83 -24.00
CA THR A 38 -13.52 9.72 -24.58
C THR A 38 -13.81 8.43 -23.81
N GLY A 39 -13.79 8.49 -22.49
CA GLY A 39 -14.09 7.35 -21.62
C GLY A 39 -15.55 6.92 -21.79
N GLN A 40 -16.45 7.89 -21.95
CA GLN A 40 -17.89 7.61 -22.17
C GLN A 40 -18.04 6.86 -23.51
N LYS A 41 -17.37 7.30 -24.58
CA LYS A 41 -17.47 6.68 -25.94
C LYS A 41 -16.99 5.22 -25.87
N MET A 42 -15.88 4.98 -25.19
CA MET A 42 -15.32 3.60 -24.99
C MET A 42 -16.34 2.71 -24.29
N LEU A 43 -16.89 3.15 -23.16
CA LEU A 43 -17.90 2.40 -22.40
C LEU A 43 -19.09 2.08 -23.30
N GLU A 44 -19.63 3.06 -24.03
CA GLU A 44 -20.77 2.88 -24.96
C GLU A 44 -20.42 1.84 -26.04
N ALA A 45 -19.16 1.81 -26.51
CA ALA A 45 -18.65 0.89 -27.54
C ALA A 45 -18.35 -0.51 -26.95
N GLY A 46 -18.57 -0.73 -25.65
CA GLY A 46 -18.35 -2.02 -24.98
C GLY A 46 -16.91 -2.26 -24.57
N GLU A 47 -16.05 -1.23 -24.60
CA GLU A 47 -14.68 -1.32 -24.04
C GLU A 47 -14.77 -1.62 -22.53
N SER A 48 -13.76 -2.27 -21.98
CA SER A 48 -13.75 -2.71 -20.56
C SER A 48 -13.46 -1.51 -19.66
N ALA A 49 -14.02 -1.53 -18.44
CA ALA A 49 -13.72 -0.54 -17.37
C ALA A 49 -12.19 -0.38 -17.24
N LEU A 50 -11.45 -1.49 -17.25
CA LEU A 50 -9.98 -1.51 -17.10
C LEU A 50 -9.32 -0.74 -18.26
N ASP A 51 -9.74 -0.95 -19.50
CA ASP A 51 -9.18 -0.20 -20.66
C ASP A 51 -9.58 1.25 -20.57
N VAL A 52 -10.80 1.53 -20.14
CA VAL A 52 -11.39 2.89 -20.05
C VAL A 52 -10.64 3.68 -18.97
N VAL A 53 -10.37 3.11 -17.80
CA VAL A 53 -9.70 3.89 -16.71
C VAL A 53 -8.22 4.06 -17.07
N THR A 54 -7.65 3.12 -17.82
CA THR A 54 -6.22 3.20 -18.24
C THR A 54 -6.07 4.36 -19.23
N GLU A 55 -6.97 4.44 -20.18
CA GLU A 55 -6.92 5.50 -21.23
C GLU A 55 -7.22 6.86 -20.59
N ALA A 56 -8.24 6.98 -19.75
CA ALA A 56 -8.61 8.26 -19.09
C ALA A 56 -7.41 8.79 -18.30
N VAL A 57 -6.74 7.90 -17.56
CA VAL A 57 -5.61 8.32 -16.70
C VAL A 57 -4.41 8.61 -17.60
N ARG A 58 -4.29 7.90 -18.73
CA ARG A 58 -3.21 8.17 -19.72
C ARG A 58 -3.46 9.58 -20.25
N LEU A 59 -4.71 9.93 -20.51
CA LEU A 59 -5.03 11.26 -21.07
C LEU A 59 -4.75 12.34 -20.02
N LEU A 60 -5.02 12.04 -18.74
CA LEU A 60 -4.83 12.99 -17.60
C LEU A 60 -3.34 13.19 -17.33
N GLU A 61 -2.56 12.13 -17.49
CA GLU A 61 -1.07 12.16 -17.47
C GLU A 61 -0.57 13.10 -18.59
N GLU A 62 -0.92 12.83 -19.84
CA GLU A 62 -0.54 13.67 -21.00
C GLU A 62 -0.90 15.14 -20.79
N CYS A 63 -2.05 15.43 -20.19
CA CYS A 63 -2.53 16.81 -20.06
C CYS A 63 -1.67 17.53 -19.03
N PRO A 64 -0.99 18.64 -19.41
CA PRO A 64 -0.06 19.28 -18.48
C PRO A 64 -0.74 20.10 -17.37
N LEU A 65 -2.06 20.25 -17.43
CA LEU A 65 -2.87 20.93 -16.40
C LEU A 65 -2.85 20.10 -15.10
N PHE A 66 -2.55 18.80 -15.17
CA PHE A 66 -2.74 17.88 -14.03
C PHE A 66 -1.41 17.32 -13.56
N ASN A 67 -1.30 17.23 -12.22
CA ASN A 67 -0.14 16.73 -11.48
C ASN A 67 -0.11 15.20 -11.58
N ALA A 68 0.21 14.72 -12.79
CA ALA A 68 0.45 13.30 -13.15
C ALA A 68 1.10 13.33 -14.53
N GLY A 69 2.05 12.43 -14.79
CA GLY A 69 2.88 12.44 -16.01
C GLY A 69 3.30 13.86 -16.38
N ILE A 70 3.06 14.27 -17.63
CA ILE A 70 3.41 15.65 -18.13
C ILE A 70 2.64 16.63 -17.27
N GLY A 71 3.36 17.60 -16.70
CA GLY A 71 2.84 18.57 -15.72
C GLY A 71 2.93 18.10 -14.29
N ALA A 72 3.63 16.98 -14.02
CA ALA A 72 3.96 16.54 -12.65
C ALA A 72 4.75 17.63 -11.90
N VAL A 73 4.42 17.79 -10.61
CA VAL A 73 5.18 18.64 -9.67
C VAL A 73 6.64 18.19 -9.62
N PHE A 74 7.48 19.03 -9.03
CA PHE A 74 8.92 18.80 -8.80
C PHE A 74 9.16 18.41 -7.35
N THR A 75 10.10 17.50 -7.15
CA THR A 75 10.63 17.13 -5.80
C THR A 75 11.57 18.25 -5.33
N ARG A 76 12.03 18.14 -4.08
CA ARG A 76 13.04 19.03 -3.44
C ARG A 76 14.30 19.08 -4.31
N ASP A 77 14.61 18.01 -5.04
CA ASP A 77 15.82 17.94 -5.90
C ASP A 77 15.50 18.41 -7.31
N GLU A 78 14.37 19.08 -7.50
CA GLU A 78 13.90 19.55 -8.85
C GLU A 78 13.91 18.36 -9.83
N THR A 79 13.48 17.18 -9.37
CA THR A 79 13.29 15.99 -10.22
C THR A 79 11.78 15.73 -10.26
N HIS A 80 11.37 14.81 -11.12
CA HIS A 80 10.02 14.19 -11.09
C HIS A 80 10.16 12.76 -10.61
N GLU A 81 9.24 12.34 -9.76
CA GLU A 81 9.11 10.96 -9.25
C GLU A 81 7.63 10.64 -9.37
N LEU A 82 7.24 9.74 -10.27
CA LEU A 82 5.81 9.48 -10.59
C LEU A 82 5.38 8.14 -10.03
N ASP A 83 4.09 8.04 -9.71
CA ASP A 83 3.46 6.86 -9.07
C ASP A 83 2.11 6.65 -9.74
N ALA A 84 1.74 5.40 -9.93
CA ALA A 84 0.41 5.04 -10.47
C ALA A 84 -0.02 3.69 -9.92
N CYS A 85 -1.34 3.48 -9.91
CA CYS A 85 -1.95 2.16 -9.62
C CYS A 85 -3.07 1.97 -10.61
N VAL A 86 -3.31 0.74 -11.01
CA VAL A 86 -4.60 0.37 -11.67
C VAL A 86 -5.06 -0.93 -11.05
N MET A 87 -6.38 -1.07 -10.83
CA MET A 87 -6.94 -2.33 -10.29
C MET A 87 -8.12 -2.78 -11.14
N ASP A 88 -8.17 -4.09 -11.39
CA ASP A 88 -9.24 -4.79 -12.13
C ASP A 88 -10.18 -5.40 -11.12
N GLY A 89 -11.37 -4.85 -10.99
CA GLY A 89 -12.38 -5.32 -10.03
C GLY A 89 -12.87 -6.73 -10.31
N ASN A 90 -12.66 -7.19 -11.54
CA ASN A 90 -13.14 -8.49 -12.04
C ASN A 90 -12.25 -9.60 -11.45
N THR A 91 -10.95 -9.50 -11.69
CA THR A 91 -9.95 -10.50 -11.26
C THR A 91 -9.43 -10.14 -9.88
N LEU A 92 -9.60 -8.88 -9.48
CA LEU A 92 -8.92 -8.23 -8.33
C LEU A 92 -7.41 -8.16 -8.57
N LYS A 93 -6.94 -8.35 -9.81
CA LYS A 93 -5.52 -8.07 -10.17
C LYS A 93 -5.26 -6.57 -10.04
N ALA A 94 -4.02 -6.18 -9.71
CA ALA A 94 -3.63 -4.78 -9.64
C ALA A 94 -2.18 -4.67 -10.10
N GLY A 95 -1.84 -3.54 -10.65
CA GLY A 95 -0.44 -3.23 -11.00
C GLY A 95 -0.13 -1.84 -10.58
N ALA A 96 1.10 -1.61 -10.11
CA ALA A 96 1.48 -0.30 -9.55
C ALA A 96 2.98 -0.07 -9.76
N VAL A 97 3.30 1.16 -10.11
CA VAL A 97 4.68 1.71 -10.02
C VAL A 97 4.70 2.87 -9.03
N ALA A 98 5.84 3.06 -8.37
CA ALA A 98 6.16 4.29 -7.61
C ALA A 98 7.63 4.65 -7.86
N GLY A 99 7.93 5.94 -7.88
CA GLY A 99 9.32 6.44 -7.89
C GLY A 99 9.93 6.29 -9.27
N VAL A 100 9.13 6.49 -10.31
CA VAL A 100 9.60 6.27 -11.69
C VAL A 100 9.76 7.63 -12.36
N SER A 101 10.88 7.84 -13.05
CA SER A 101 11.21 9.12 -13.71
C SER A 101 11.41 8.97 -15.24
N HIS A 102 11.42 7.75 -15.80
CA HIS A 102 11.82 7.50 -17.21
C HIS A 102 10.71 6.80 -17.98
N LEU A 103 9.50 6.81 -17.45
CA LEU A 103 8.30 6.18 -18.07
C LEU A 103 7.27 7.30 -18.30
N ARG A 104 6.95 7.53 -19.56
CA ARG A 104 6.11 8.67 -19.98
C ARG A 104 4.74 8.56 -19.29
N ASN A 105 4.23 7.34 -19.18
CA ASN A 105 2.84 7.10 -18.69
C ASN A 105 2.86 6.06 -17.58
N PRO A 106 3.11 6.48 -16.32
CA PRO A 106 3.10 5.56 -15.18
C PRO A 106 1.91 4.61 -15.15
N VAL A 107 0.72 5.07 -15.56
CA VAL A 107 -0.49 4.19 -15.50
C VAL A 107 -0.33 3.04 -16.53
N LEU A 108 0.35 3.26 -17.66
CA LEU A 108 0.70 2.20 -18.65
C LEU A 108 1.72 1.24 -18.04
N ALA A 109 2.72 1.75 -17.31
CA ALA A 109 3.70 0.92 -16.54
C ALA A 109 2.94 0.09 -15.51
N ALA A 110 2.06 0.72 -14.74
CA ALA A 110 1.21 0.01 -13.77
C ALA A 110 0.47 -1.14 -14.50
N ARG A 111 -0.20 -0.83 -15.59
CA ARG A 111 -0.93 -1.86 -16.40
C ARG A 111 0.04 -2.98 -16.75
N LEU A 112 1.29 -2.64 -17.13
CA LEU A 112 2.30 -3.61 -17.57
C LEU A 112 2.64 -4.54 -16.39
N VAL A 113 2.79 -3.97 -15.17
CA VAL A 113 3.10 -4.73 -13.93
C VAL A 113 1.96 -5.73 -13.71
N MET A 114 0.71 -5.27 -13.84
CA MET A 114 -0.53 -6.09 -13.69
C MET A 114 -0.51 -7.23 -14.73
N GLU A 115 -0.23 -6.91 -16.00
CA GLU A 115 -0.51 -7.79 -17.17
C GLU A 115 0.69 -8.67 -17.53
N GLN A 116 1.93 -8.25 -17.25
CA GLN A 116 3.11 -8.96 -17.81
C GLN A 116 4.19 -9.15 -16.74
N SER A 117 3.78 -9.24 -15.48
CA SER A 117 4.61 -9.74 -14.35
C SER A 117 3.73 -10.59 -13.43
N PRO A 118 4.35 -11.37 -12.51
CA PRO A 118 3.61 -11.97 -11.41
C PRO A 118 3.49 -11.02 -10.19
N HIS A 119 3.98 -9.79 -10.31
CA HIS A 119 4.01 -8.79 -9.21
C HIS A 119 2.85 -7.81 -9.35
N VAL A 120 2.54 -7.09 -8.27
CA VAL A 120 1.49 -6.06 -8.19
C VAL A 120 2.16 -4.67 -8.12
N MET A 121 3.29 -4.58 -7.44
CA MET A 121 3.97 -3.29 -7.27
C MET A 121 5.47 -3.39 -7.60
N MET A 122 5.96 -2.46 -8.41
CA MET A 122 7.41 -2.28 -8.69
CA MET A 122 7.42 -2.28 -8.65
C MET A 122 7.79 -0.82 -8.44
N ILE A 123 8.98 -0.61 -7.93
CA ILE A 123 9.47 0.76 -7.66
C ILE A 123 10.76 1.03 -8.43
N GLY A 124 10.92 2.29 -8.80
CA GLY A 124 12.22 2.91 -9.07
C GLY A 124 12.85 2.32 -10.30
N GLU A 125 14.16 2.16 -10.31
CA GLU A 125 14.94 1.68 -11.48
C GLU A 125 14.48 0.25 -11.87
N GLY A 126 14.24 -0.61 -10.87
CA GLY A 126 13.61 -1.94 -11.04
C GLY A 126 12.32 -1.88 -11.84
N ALA A 127 11.36 -1.04 -11.42
CA ALA A 127 10.13 -0.74 -12.18
C ALA A 127 10.49 -0.41 -13.64
N GLU A 128 11.45 0.49 -13.84
CA GLU A 128 11.83 1.02 -15.18
C GLU A 128 12.43 -0.12 -16.01
N ASN A 129 13.37 -0.88 -15.43
CA ASN A 129 14.10 -1.96 -16.15
C ASN A 129 13.10 -3.05 -16.56
N PHE A 130 12.17 -3.37 -15.67
CA PHE A 130 11.07 -4.30 -15.99
C PHE A 130 10.32 -3.79 -17.23
N ALA A 131 10.01 -2.50 -17.28
CA ALA A 131 9.20 -1.87 -18.35
C ALA A 131 9.97 -1.86 -19.67
N PHE A 132 11.24 -1.43 -19.64
CA PHE A 132 12.15 -1.42 -20.81
C PHE A 132 12.26 -2.82 -21.40
N ALA A 133 12.44 -3.81 -20.52
CA ALA A 133 12.59 -5.24 -20.90
C ALA A 133 11.27 -5.78 -21.49
N ARG A 134 10.15 -5.09 -21.28
CA ARG A 134 8.82 -5.41 -21.88
C ARG A 134 8.55 -4.47 -23.06
N GLY A 135 9.53 -3.65 -23.42
CA GLY A 135 9.56 -2.86 -24.67
C GLY A 135 8.97 -1.49 -24.47
N MET A 136 8.55 -1.12 -23.25
CA MET A 136 8.10 0.27 -22.97
C MET A 136 9.29 1.19 -23.27
N GLU A 137 9.05 2.35 -23.88
CA GLU A 137 10.09 3.32 -24.28
C GLU A 137 10.64 4.07 -23.03
N ARG A 138 11.96 4.29 -23.00
CA ARG A 138 12.64 5.13 -21.97
C ARG A 138 12.49 6.60 -22.40
N VAL A 139 12.21 7.51 -21.47
CA VAL A 139 12.12 8.96 -21.79
C VAL A 139 13.01 9.75 -20.83
N SER A 140 13.35 10.99 -21.21
CA SER A 140 14.01 12.00 -20.34
C SER A 140 13.05 12.45 -19.24
N PRO A 141 13.47 12.45 -17.96
CA PRO A 141 12.70 13.05 -16.87
C PRO A 141 12.16 14.47 -17.13
N GLU A 142 12.89 15.26 -17.92
CA GLU A 142 12.56 16.67 -18.26
C GLU A 142 11.30 16.76 -19.13
N ILE A 143 10.74 15.67 -19.66
CA ILE A 143 9.57 15.79 -20.58
C ILE A 143 8.33 16.17 -19.76
N PHE A 144 8.33 15.86 -18.47
CA PHE A 144 7.19 16.16 -17.55
C PHE A 144 7.27 17.60 -17.06
N SER A 145 8.45 18.22 -17.17
CA SER A 145 8.79 19.56 -16.63
C SER A 145 7.98 20.63 -17.37
N THR A 146 7.31 21.49 -16.62
CA THR A 146 6.52 22.61 -17.14
C THR A 146 7.01 23.82 -16.37
N SER A 147 6.89 24.99 -16.98
CA SER A 147 7.25 26.29 -16.35
C SER A 147 6.42 26.50 -15.08
N LEU A 148 5.11 26.24 -15.17
CA LEU A 148 4.10 26.39 -14.09
C LEU A 148 4.55 25.69 -12.80
N ARG A 149 4.86 24.41 -12.90
CA ARG A 149 5.20 23.56 -11.72
C ARG A 149 6.54 23.98 -11.13
N TYR A 150 7.51 24.35 -11.97
CA TYR A 150 8.86 24.81 -11.53
C TYR A 150 8.71 26.08 -10.68
N GLU A 151 7.95 27.05 -11.21
CA GLU A 151 7.62 28.33 -10.52
C GLU A 151 6.98 28.04 -9.16
N GLN A 152 6.06 27.08 -9.11
CA GLN A 152 5.36 26.67 -7.86
C GLN A 152 6.38 26.12 -6.86
N LEU A 153 7.41 25.43 -7.36
CA LEU A 153 8.53 24.88 -6.53
C LEU A 153 9.27 26.06 -5.86
N LEU A 154 9.65 27.05 -6.65
CA LEU A 154 10.39 28.27 -6.22
C LEU A 154 9.53 29.03 -5.19
N ALA A 155 8.22 29.13 -5.43
CA ALA A 155 7.24 29.79 -4.53
C ALA A 155 7.10 29.03 -3.20
N ALA A 156 7.18 27.70 -3.23
CA ALA A 156 7.10 26.83 -2.02
C ALA A 156 8.36 27.03 -1.16
N ARG A 157 9.50 27.34 -1.81
CA ARG A 157 10.82 27.54 -1.16
C ARG A 157 11.28 28.99 -1.33
N THR B 1 -2.20 14.73 -8.73
CA THR B 1 -2.89 13.42 -8.71
C THR B 1 -4.06 13.47 -9.68
N VAL B 2 -4.28 12.39 -10.41
CA VAL B 2 -5.44 12.19 -11.31
C VAL B 2 -6.00 10.80 -11.06
N GLY B 3 -7.21 10.56 -11.51
CA GLY B 3 -7.85 9.23 -11.29
C GLY B 3 -8.93 8.94 -12.29
N ALA B 4 -9.31 7.69 -12.38
CA ALA B 4 -10.48 7.25 -13.15
C ALA B 4 -11.10 6.03 -12.50
N VAL B 5 -12.42 6.00 -12.53
CA VAL B 5 -13.20 4.82 -12.12
C VAL B 5 -14.26 4.59 -13.20
N ALA B 6 -14.51 3.33 -13.48
CA ALA B 6 -15.46 2.96 -14.55
C ALA B 6 -16.24 1.72 -14.11
N LEU B 7 -17.49 1.67 -14.56
CA LEU B 7 -18.36 0.47 -14.57
C LEU B 7 -18.78 0.24 -16.03
N ASP B 8 -18.56 -0.95 -16.56
CA ASP B 8 -18.71 -1.22 -18.02
C ASP B 8 -20.02 -1.97 -18.25
N LEU B 9 -20.33 -2.23 -19.53
CA LEU B 9 -21.58 -2.92 -19.92
C LEU B 9 -21.54 -4.37 -19.46
N ASP B 10 -20.36 -4.90 -19.15
CA ASP B 10 -20.22 -6.26 -18.57
C ASP B 10 -20.44 -6.25 -17.07
N GLY B 11 -20.57 -5.05 -16.46
CA GLY B 11 -20.71 -4.88 -15.00
C GLY B 11 -19.36 -5.00 -14.29
N ASN B 12 -18.26 -4.77 -15.00
CA ASN B 12 -16.90 -4.77 -14.41
C ASN B 12 -16.56 -3.37 -13.87
N LEU B 13 -15.88 -3.35 -12.72
CA LEU B 13 -15.39 -2.12 -12.06
C LEU B 13 -13.85 -2.06 -12.23
N ALA B 14 -13.33 -0.89 -12.47
CA ALA B 14 -11.87 -0.69 -12.43
C ALA B 14 -11.58 0.69 -11.92
N ALA B 15 -10.35 0.90 -11.51
CA ALA B 15 -9.88 2.17 -10.89
C ALA B 15 -8.44 2.35 -11.33
N ALA B 16 -8.06 3.60 -11.52
CA ALA B 16 -6.66 3.98 -11.78
C ALA B 16 -6.36 5.31 -11.09
N THR B 17 -5.09 5.48 -10.70
CA THR B 17 -4.61 6.69 -10.02
C THR B 17 -3.20 6.93 -10.54
N SER B 18 -2.90 8.16 -10.90
CA SER B 18 -1.50 8.54 -11.24
C SER B 18 -1.23 9.87 -10.58
N THR B 19 0.02 10.16 -10.25
CA THR B 19 0.41 11.44 -9.61
C THR B 19 1.91 11.71 -9.81
N GLY B 20 2.34 12.97 -9.78
CA GLY B 20 3.76 13.33 -9.57
C GLY B 20 4.06 13.60 -8.11
N GLY B 21 3.06 13.44 -7.23
CA GLY B 21 3.20 13.59 -5.78
C GLY B 21 2.98 15.01 -5.30
N LEU B 22 3.87 15.51 -4.43
CA LEU B 22 3.79 16.83 -3.76
C LEU B 22 4.90 17.73 -4.30
N THR B 23 4.63 19.01 -4.59
CA THR B 23 5.70 19.98 -4.92
C THR B 23 6.72 20.02 -3.77
N ASN B 24 8.02 20.00 -4.07
CA ASN B 24 9.11 20.09 -3.07
C ASN B 24 9.17 18.79 -2.26
N LYS B 25 8.60 17.71 -2.78
CA LYS B 25 8.50 16.46 -1.99
C LYS B 25 9.91 15.95 -1.70
N LEU B 26 10.09 15.32 -0.54
CA LEU B 26 11.33 14.59 -0.20
C LEU B 26 11.44 13.41 -1.17
N PRO B 27 12.56 13.31 -1.91
CA PRO B 27 12.76 12.19 -2.85
C PRO B 27 12.60 10.83 -2.16
N GLY B 28 11.83 9.94 -2.77
CA GLY B 28 11.57 8.59 -2.28
C GLY B 28 10.29 8.53 -1.46
N ARG B 29 9.60 9.65 -1.27
CA ARG B 29 8.31 9.65 -0.52
C ARG B 29 7.27 9.03 -1.45
N VAL B 30 6.48 8.11 -0.91
CA VAL B 30 5.32 7.52 -1.59
C VAL B 30 4.05 7.89 -0.82
N GLY B 31 3.07 8.46 -1.53
CA GLY B 31 1.71 8.72 -1.00
C GLY B 31 0.78 7.57 -1.34
N ASP B 32 -0.52 7.83 -1.28
CA ASP B 32 -1.57 6.78 -1.37
C ASP B 32 -1.69 6.29 -2.82
N SER B 33 -1.33 7.14 -3.79
CA SER B 33 -1.68 6.97 -5.22
C SER B 33 -1.30 5.59 -5.76
N PRO B 34 -0.08 5.05 -5.53
CA PRO B 34 0.25 3.73 -6.05
C PRO B 34 -0.14 2.56 -5.14
N LEU B 35 -0.77 2.83 -3.98
CA LEU B 35 -0.91 1.83 -2.91
C LEU B 35 -2.32 1.27 -2.99
N VAL B 36 -2.41 -0.02 -3.31
CA VAL B 36 -3.71 -0.73 -3.42
C VAL B 36 -4.47 -0.53 -2.10
N GLY B 37 -5.69 -0.04 -2.21
CA GLY B 37 -6.65 0.17 -1.11
C GLY B 37 -6.40 1.47 -0.36
N ALA B 38 -5.27 2.19 -0.64
CA ALA B 38 -5.04 3.57 -0.15
C ALA B 38 -5.62 4.55 -1.17
N GLY B 39 -5.05 4.64 -2.36
CA GLY B 39 -5.42 5.66 -3.36
C GLY B 39 -6.19 5.06 -4.52
N CYS B 40 -6.22 3.75 -4.62
CA CYS B 40 -6.78 3.02 -5.80
C CYS B 40 -7.28 1.66 -5.33
N TYR B 41 -8.55 1.36 -5.60
CA TYR B 41 -9.14 0.01 -5.33
C TYR B 41 -10.31 -0.24 -6.27
N ALA B 42 -10.51 -1.49 -6.69
CA ALA B 42 -11.67 -1.91 -7.49
C ALA B 42 -11.99 -3.36 -7.18
N ASN B 43 -13.27 -3.62 -6.94
CA ASN B 43 -13.80 -4.95 -6.60
C ASN B 43 -15.23 -4.99 -7.13
N ASN B 44 -15.51 -5.90 -8.06
CA ASN B 44 -16.84 -6.07 -8.69
C ASN B 44 -17.90 -6.28 -7.61
N ALA B 45 -17.53 -6.87 -6.47
CA ALA B 45 -18.43 -7.09 -5.33
C ALA B 45 -18.80 -5.77 -4.64
N SER B 46 -18.04 -4.70 -4.81
CA SER B 46 -18.23 -3.47 -3.99
C SER B 46 -18.16 -2.20 -4.84
N VAL B 47 -16.95 -1.77 -5.16
CA VAL B 47 -16.74 -0.38 -5.64
C VAL B 47 -15.41 -0.30 -6.39
N ALA B 48 -15.29 0.68 -7.27
CA ALA B 48 -14.02 1.19 -7.81
C ALA B 48 -13.81 2.57 -7.19
N VAL B 49 -12.63 2.80 -6.60
CA VAL B 49 -12.27 4.11 -6.01
C VAL B 49 -10.91 4.60 -6.53
N SER B 50 -10.80 5.91 -6.83
CA SER B 50 -9.51 6.64 -6.97
C SER B 50 -9.53 7.88 -6.08
N CYS B 51 -8.41 8.14 -5.42
CA CYS B 51 -8.31 9.15 -4.33
C CYS B 51 -7.35 10.28 -4.72
N THR B 52 -7.48 11.41 -4.03
CA THR B 52 -6.55 12.54 -4.19
C THR B 52 -6.52 13.24 -2.84
N GLY B 53 -5.34 13.60 -2.36
CA GLY B 53 -5.27 14.48 -1.17
C GLY B 53 -4.05 14.17 -0.35
N THR B 54 -4.12 14.39 0.97
CA THR B 54 -2.91 14.31 1.83
C THR B 54 -2.64 12.79 1.99
N GLY B 55 -1.66 12.35 1.21
CA GLY B 55 -1.51 10.93 0.84
C GLY B 55 -1.24 10.12 2.08
N GLU B 56 -0.58 10.72 3.08
CA GLU B 56 -0.23 10.00 4.32
C GLU B 56 -1.50 9.53 5.01
N VAL B 57 -2.54 10.35 4.98
CA VAL B 57 -3.80 10.06 5.73
C VAL B 57 -4.61 9.01 4.96
N PHE B 58 -4.62 9.15 3.65
CA PHE B 58 -5.30 8.19 2.75
C PHE B 58 -4.68 6.80 2.98
N ILE B 59 -3.39 6.73 3.25
CA ILE B 59 -2.72 5.42 3.52
C ILE B 59 -3.14 4.95 4.91
N ARG B 60 -3.01 5.80 5.93
CA ARG B 60 -3.24 5.39 7.33
C ARG B 60 -4.70 4.90 7.49
N ALA B 61 -5.64 5.55 6.77
CA ALA B 61 -7.11 5.31 6.86
C ALA B 61 -7.53 4.29 5.80
N LEU B 62 -6.58 3.88 4.94
CA LEU B 62 -6.83 2.99 3.79
C LEU B 62 -8.14 3.38 3.11
N ALA B 63 -8.22 4.64 2.73
CA ALA B 63 -9.46 5.31 2.31
C ALA B 63 -10.23 4.49 1.26
N ALA B 64 -9.58 4.05 0.18
CA ALA B 64 -10.23 3.37 -0.97
C ALA B 64 -10.90 2.07 -0.56
N TYR B 65 -10.15 1.14 0.06
CA TYR B 65 -10.72 -0.12 0.54
C TYR B 65 -11.72 0.14 1.69
N ASP B 66 -11.51 1.17 2.51
CA ASP B 66 -12.48 1.48 3.61
C ASP B 66 -13.87 1.75 3.03
N ILE B 67 -13.96 2.48 1.91
CA ILE B 67 -15.25 2.66 1.20
C ILE B 67 -15.81 1.26 0.90
N ALA B 68 -14.97 0.42 0.29
CA ALA B 68 -15.37 -0.94 -0.12
C ALA B 68 -15.85 -1.74 1.11
N ALA B 69 -15.12 -1.65 2.22
CA ALA B 69 -15.37 -2.46 3.44
C ALA B 69 -16.60 -1.93 4.18
N LEU B 70 -16.80 -0.60 4.18
CA LEU B 70 -17.97 0.03 4.81
C LEU B 70 -19.22 -0.41 4.06
N MET B 71 -19.14 -0.43 2.74
CA MET B 71 -20.28 -0.86 1.92
C MET B 71 -20.51 -2.36 2.11
N ASP B 72 -19.45 -3.15 1.91
CA ASP B 72 -19.56 -4.62 1.82
C ASP B 72 -19.92 -5.23 3.18
N TYR B 73 -19.27 -4.78 4.26
CA TYR B 73 -19.40 -5.34 5.63
C TYR B 73 -20.34 -4.46 6.47
N GLY B 74 -20.19 -3.14 6.38
CA GLY B 74 -21.00 -2.18 7.15
C GLY B 74 -22.39 -1.99 6.59
N GLY B 75 -22.64 -2.45 5.35
CA GLY B 75 -23.95 -2.29 4.69
C GLY B 75 -24.24 -0.83 4.36
N LEU B 76 -23.25 0.06 4.41
CA LEU B 76 -23.44 1.47 3.99
C LEU B 76 -23.71 1.49 2.50
N SER B 77 -24.46 2.50 2.05
CA SER B 77 -24.54 2.92 0.64
C SER B 77 -23.22 3.59 0.29
N LEU B 78 -22.99 3.79 -1.00
CA LEU B 78 -21.81 4.51 -1.52
C LEU B 78 -21.79 5.90 -0.89
N ALA B 79 -22.96 6.55 -0.85
CA ALA B 79 -23.11 7.94 -0.37
C ALA B 79 -22.67 8.00 1.09
N GLU B 80 -23.25 7.13 1.90
CA GLU B 80 -22.92 6.99 3.34
C GLU B 80 -21.42 6.73 3.50
N ALA B 81 -20.84 5.82 2.73
CA ALA B 81 -19.43 5.40 2.89
C ALA B 81 -18.54 6.57 2.53
N CYS B 82 -18.93 7.31 1.50
CA CYS B 82 -18.17 8.47 1.01
C CYS B 82 -18.18 9.58 2.06
N GLU B 83 -19.35 9.89 2.62
CA GLU B 83 -19.53 10.91 3.70
C GLU B 83 -18.65 10.49 4.87
N ARG B 84 -18.84 9.26 5.35
CA ARG B 84 -18.11 8.70 6.51
C ARG B 84 -16.61 8.89 6.28
N VAL B 85 -16.11 8.42 5.14
CA VAL B 85 -14.66 8.40 4.86
C VAL B 85 -14.16 9.84 4.68
N VAL B 86 -14.71 10.62 3.75
CA VAL B 86 -14.12 11.89 3.26
C VAL B 86 -14.43 13.03 4.27
N MET B 87 -15.65 13.06 4.80
CA MET B 87 -16.14 14.21 5.60
C MET B 87 -15.88 13.97 7.08
N GLU B 88 -15.60 12.73 7.52
CA GLU B 88 -15.46 12.42 8.97
C GLU B 88 -14.09 11.83 9.26
N LYS B 89 -13.77 10.67 8.71
CA LYS B 89 -12.60 9.86 9.13
C LYS B 89 -11.32 10.54 8.65
N LEU B 90 -11.30 11.07 7.43
CA LEU B 90 -10.06 11.68 6.87
C LEU B 90 -9.82 13.01 7.56
N PRO B 91 -10.81 13.90 7.74
CA PRO B 91 -10.60 15.10 8.54
C PRO B 91 -10.15 14.73 9.97
N ALA B 92 -10.81 13.76 10.59
CA ALA B 92 -10.48 13.26 11.95
C ALA B 92 -8.98 13.03 12.09
N LEU B 93 -8.32 12.55 11.03
CA LEU B 93 -6.85 12.27 11.02
C LEU B 93 -6.07 13.42 10.38
N GLY B 94 -6.71 14.57 10.17
CA GLY B 94 -6.10 15.75 9.52
C GLY B 94 -5.87 15.53 8.02
N GLY B 95 -6.64 14.66 7.38
CA GLY B 95 -6.56 14.37 5.94
C GLY B 95 -7.49 15.30 5.16
N SER B 96 -6.95 15.97 4.15
N SER B 96 -6.96 15.96 4.14
CA SER B 96 -7.74 16.80 3.20
CA SER B 96 -7.77 16.78 3.21
C SER B 96 -7.64 16.16 1.81
C SER B 96 -7.63 16.19 1.81
N GLY B 97 -8.73 16.24 1.06
CA GLY B 97 -8.78 15.75 -0.32
C GLY B 97 -10.16 15.20 -0.58
N GLY B 98 -10.22 14.25 -1.50
CA GLY B 98 -11.46 13.61 -1.91
C GLY B 98 -11.18 12.39 -2.74
N LEU B 99 -12.22 11.88 -3.34
CA LEU B 99 -12.09 10.68 -4.17
C LEU B 99 -13.30 10.57 -5.09
N ILE B 100 -13.19 9.67 -6.06
CA ILE B 100 -14.27 9.31 -7.01
C ILE B 100 -14.53 7.82 -6.85
N ALA B 101 -15.79 7.43 -6.85
CA ALA B 101 -16.25 6.08 -6.53
C ALA B 101 -17.47 5.77 -7.40
N ILE B 102 -17.50 4.54 -7.93
CA ILE B 102 -18.65 3.89 -8.60
C ILE B 102 -18.80 2.50 -7.98
N ASP B 103 -20.01 2.14 -7.57
CA ASP B 103 -20.31 0.80 -7.00
C ASP B 103 -20.89 -0.10 -8.09
N HIS B 104 -20.97 -1.38 -7.75
CA HIS B 104 -21.41 -2.53 -8.56
C HIS B 104 -22.80 -2.23 -9.12
N GLU B 105 -23.56 -1.33 -8.50
CA GLU B 105 -24.95 -0.98 -8.88
C GLU B 105 -25.00 0.31 -9.72
N GLY B 106 -23.85 0.93 -10.04
CA GLY B 106 -23.74 2.08 -10.98
C GLY B 106 -23.99 3.44 -10.35
N ASN B 107 -24.05 3.52 -9.02
CA ASN B 107 -24.00 4.79 -8.26
C ASN B 107 -22.62 5.42 -8.46
N VAL B 108 -22.58 6.73 -8.66
CA VAL B 108 -21.30 7.49 -8.74
C VAL B 108 -21.28 8.53 -7.62
N ALA B 109 -20.13 8.74 -7.02
CA ALA B 109 -19.89 9.70 -5.93
C ALA B 109 -18.54 10.38 -6.15
N LEU B 110 -18.46 11.69 -5.89
CA LEU B 110 -17.23 12.52 -6.04
C LEU B 110 -17.09 13.40 -4.81
N PRO B 111 -16.98 12.80 -3.60
CA PRO B 111 -16.79 13.56 -2.38
C PRO B 111 -15.42 14.25 -2.30
N PHE B 112 -15.39 15.46 -1.75
CA PHE B 112 -14.14 16.12 -1.36
C PHE B 112 -14.47 17.05 -0.20
N ASN B 113 -13.50 17.24 0.68
CA ASN B 113 -13.59 18.09 1.89
C ASN B 113 -12.74 19.34 1.67
N THR B 114 -12.22 19.50 0.45
CA THR B 114 -11.32 20.62 0.08
C THR B 114 -12.16 21.71 -0.59
N GLU B 115 -11.53 22.82 -0.96
CA GLU B 115 -12.22 23.93 -1.66
C GLU B 115 -12.70 23.43 -3.02
N GLY B 116 -11.85 22.65 -3.68
CA GLY B 116 -12.14 22.15 -5.03
C GLY B 116 -11.68 20.73 -5.22
N MET B 117 -12.27 20.09 -6.22
CA MET B 117 -11.71 18.86 -6.81
C MET B 117 -12.06 18.83 -8.28
N TYR B 118 -11.06 18.99 -9.12
CA TYR B 118 -11.14 18.83 -10.59
C TYR B 118 -11.78 17.47 -10.88
N ARG B 119 -12.98 17.47 -11.45
CA ARG B 119 -13.72 16.21 -11.55
C ARG B 119 -14.69 16.24 -12.73
N ALA B 120 -15.04 15.04 -13.17
CA ALA B 120 -16.10 14.88 -14.18
C ALA B 120 -16.66 13.48 -14.03
N TRP B 121 -17.85 13.28 -14.56
CA TRP B 121 -18.50 11.96 -14.64
C TRP B 121 -19.52 11.99 -15.76
N GLY B 122 -19.93 10.81 -16.20
CA GLY B 122 -20.98 10.66 -17.22
C GLY B 122 -21.39 9.22 -17.30
N TYR B 123 -22.69 8.98 -17.35
CA TYR B 123 -23.28 7.69 -17.77
C TYR B 123 -23.00 7.52 -19.27
N ALA B 124 -22.65 6.30 -19.68
CA ALA B 124 -22.61 5.88 -21.11
C ALA B 124 -23.95 6.28 -21.78
N GLY B 125 -23.91 7.01 -22.89
CA GLY B 125 -25.09 7.48 -23.62
C GLY B 125 -25.68 8.78 -23.09
N ASP B 126 -25.17 9.33 -21.98
CA ASP B 126 -25.72 10.55 -21.35
C ASP B 126 -24.73 11.71 -21.53
N THR B 127 -25.16 12.89 -21.14
CA THR B 127 -24.35 14.11 -21.12
C THR B 127 -23.47 14.03 -19.87
N PRO B 128 -22.16 14.30 -19.98
CA PRO B 128 -21.28 14.29 -18.80
C PRO B 128 -21.43 15.56 -17.97
N THR B 129 -21.09 15.51 -16.68
CA THR B 129 -21.00 16.69 -15.80
C THR B 129 -19.54 16.93 -15.40
N THR B 130 -19.11 18.19 -15.39
CA THR B 130 -17.76 18.59 -14.92
C THR B 130 -17.92 19.45 -13.68
N GLY B 131 -16.88 19.55 -12.86
CA GLY B 131 -16.88 20.36 -11.62
C GLY B 131 -15.49 20.76 -11.20
N ILE B 132 -15.38 21.85 -10.46
CA ILE B 132 -14.10 22.32 -9.85
C ILE B 132 -14.33 22.58 -8.36
N TYR B 133 -15.27 23.48 -8.07
CA TYR B 133 -15.59 23.94 -6.70
C TYR B 133 -16.77 23.13 -6.14
N ARG B 134 -17.18 23.46 -4.92
CA ARG B 134 -18.41 22.92 -4.27
C ARG B 134 -19.64 23.61 -4.87
N GLU B 135 -20.70 22.84 -5.20
CA GLU B 135 -22.02 23.31 -5.75
C GLU B 135 -22.03 23.15 -7.28
N ALA C 4 -2.12 -7.84 28.54
CA ALA C 4 -0.92 -7.43 27.71
C ALA C 4 -0.20 -8.67 27.19
N VAL C 5 0.25 -8.60 25.93
CA VAL C 5 0.54 -9.82 25.14
C VAL C 5 1.33 -9.44 23.88
N ILE C 6 2.16 -10.37 23.43
CA ILE C 6 2.92 -10.24 22.16
C ILE C 6 2.77 -11.53 21.36
N ALA C 7 2.66 -11.42 20.05
CA ALA C 7 2.93 -12.52 19.11
C ALA C 7 3.99 -12.07 18.10
N ILE C 8 4.75 -13.04 17.58
CA ILE C 8 5.80 -12.79 16.53
C ILE C 8 5.65 -13.90 15.50
N HIS C 9 6.20 -13.70 14.31
CA HIS C 9 6.31 -14.77 13.30
C HIS C 9 7.63 -14.58 12.58
N GLY C 10 8.17 -15.68 12.05
CA GLY C 10 9.37 -15.69 11.20
C GLY C 10 9.04 -16.22 9.82
N GLY C 11 7.79 -16.05 9.39
CA GLY C 11 7.38 -16.36 8.00
C GLY C 11 6.65 -17.69 7.89
N ALA C 12 5.72 -17.77 6.96
CA ALA C 12 4.92 -18.99 6.72
C ALA C 12 5.37 -19.61 5.40
N GLY C 13 5.38 -20.93 5.32
CA GLY C 13 5.50 -21.64 4.04
C GLY C 13 5.65 -23.14 4.19
N ALA C 14 6.36 -23.75 3.25
CA ALA C 14 6.45 -25.21 3.09
C ALA C 14 7.57 -25.72 4.01
N ILE C 15 7.31 -25.75 5.31
CA ILE C 15 8.32 -26.15 6.33
C ILE C 15 8.41 -27.68 6.40
N GLN C 19 11.50 -33.62 6.54
CA GLN C 19 12.50 -32.61 6.08
C GLN C 19 13.53 -32.33 7.18
N MET C 20 13.06 -32.07 8.40
CA MET C 20 13.89 -31.46 9.48
C MET C 20 14.02 -32.42 10.66
N SER C 21 15.19 -32.41 11.30
CA SER C 21 15.45 -33.08 12.60
C SER C 21 14.93 -32.21 13.75
N LEU C 22 14.74 -32.81 14.92
CA LEU C 22 14.31 -32.07 16.12
C LEU C 22 15.32 -30.96 16.40
N GLN C 23 16.61 -31.26 16.34
CA GLN C 23 17.66 -30.30 16.75
C GLN C 23 17.68 -29.14 15.74
N GLN C 24 17.41 -29.38 14.45
CA GLN C 24 17.24 -28.29 13.44
C GLN C 24 16.06 -27.41 13.85
N GLU C 25 14.92 -28.05 14.12
CA GLU C 25 13.66 -27.38 14.50
C GLU C 25 13.88 -26.52 15.75
N LEU C 26 14.66 -27.02 16.72
CA LEU C 26 14.86 -26.35 18.03
C LEU C 26 15.65 -25.05 17.88
N ARG C 27 16.44 -24.87 16.83
CA ARG C 27 17.15 -23.58 16.62
C ARG C 27 16.10 -22.49 16.37
N TYR C 28 15.10 -22.82 15.56
CA TYR C 28 13.97 -21.91 15.21
C TYR C 28 13.16 -21.67 16.49
N ILE C 29 12.92 -22.72 17.28
CA ILE C 29 12.09 -22.66 18.50
C ILE C 29 12.78 -21.79 19.54
N GLU C 30 14.10 -21.97 19.74
CA GLU C 30 14.85 -21.23 20.79
C GLU C 30 14.89 -19.75 20.39
N ALA C 31 15.16 -19.46 19.10
CA ALA C 31 15.10 -18.11 18.50
C ALA C 31 13.75 -17.45 18.85
N LEU C 32 12.67 -18.03 18.34
CA LEU C 32 11.29 -17.54 18.56
C LEU C 32 11.09 -17.34 20.06
N SER C 33 11.43 -18.34 20.88
CA SER C 33 11.22 -18.31 22.35
C SER C 33 11.94 -17.10 22.97
N ALA C 34 13.20 -16.90 22.64
CA ALA C 34 14.04 -15.82 23.21
C ALA C 34 13.49 -14.44 22.83
N ILE C 35 12.98 -14.32 21.61
CA ILE C 35 12.50 -13.01 21.07
C ILE C 35 11.14 -12.71 21.69
N VAL C 36 10.23 -13.67 21.68
CA VAL C 36 8.90 -13.46 22.32
C VAL C 36 9.13 -13.15 23.81
N GLU C 37 10.09 -13.80 24.48
CA GLU C 37 10.37 -13.57 25.92
C GLU C 37 10.93 -12.17 26.19
N THR C 38 11.85 -11.70 25.35
CA THR C 38 12.38 -10.30 25.37
C THR C 38 11.18 -9.34 25.28
N GLY C 39 10.28 -9.60 24.34
CA GLY C 39 9.08 -8.77 24.12
C GLY C 39 8.14 -8.87 25.30
N GLN C 40 8.02 -10.07 25.88
CA GLN C 40 7.18 -10.30 27.08
C GLN C 40 7.71 -9.43 28.23
N LYS C 41 9.02 -9.44 28.46
CA LYS C 41 9.67 -8.72 29.59
C LYS C 41 9.42 -7.21 29.44
N MET C 42 9.57 -6.68 28.24
CA MET C 42 9.34 -5.25 27.93
C MET C 42 7.89 -4.87 28.27
N LEU C 43 6.92 -5.64 27.78
CA LEU C 43 5.48 -5.38 28.06
C LEU C 43 5.26 -5.33 29.58
N GLU C 44 5.73 -6.34 30.31
CA GLU C 44 5.60 -6.43 31.79
C GLU C 44 6.21 -5.19 32.45
N ALA C 45 7.34 -4.69 31.93
CA ALA C 45 8.06 -3.50 32.45
C ALA C 45 7.39 -2.19 32.02
N GLY C 46 6.27 -2.25 31.30
CA GLY C 46 5.48 -1.08 30.88
C GLY C 46 6.00 -0.43 29.60
N GLU C 47 6.87 -1.12 28.84
CA GLU C 47 7.33 -0.63 27.52
C GLU C 47 6.12 -0.58 26.59
N SER C 48 6.14 0.33 25.61
CA SER C 48 5.01 0.57 24.70
C SER C 48 4.94 -0.57 23.67
N ALA C 49 3.73 -0.88 23.22
CA ALA C 49 3.46 -1.86 22.16
C ALA C 49 4.37 -1.56 20.96
N LEU C 50 4.49 -0.28 20.61
CA LEU C 50 5.26 0.21 19.45
C LEU C 50 6.75 -0.11 19.64
N ASP C 51 7.31 0.13 20.83
CA ASP C 51 8.72 -0.22 21.13
C ASP C 51 8.88 -1.73 21.12
N VAL C 52 7.89 -2.47 21.62
CA VAL C 52 7.95 -3.95 21.78
C VAL C 52 7.94 -4.60 20.38
N VAL C 53 7.08 -4.13 19.47
CA VAL C 53 7.02 -4.77 18.11
C VAL C 53 8.25 -4.35 17.31
N THR C 54 8.81 -3.16 17.59
CA THR C 54 10.02 -2.68 16.91
C THR C 54 11.17 -3.58 17.32
N GLU C 55 11.32 -3.84 18.61
CA GLU C 55 12.48 -4.61 19.14
C GLU C 55 12.35 -6.08 18.69
N ALA C 56 11.14 -6.66 18.79
CA ALA C 56 10.94 -8.07 18.35
C ALA C 56 11.34 -8.22 16.89
N VAL C 57 10.87 -7.31 16.03
CA VAL C 57 11.16 -7.41 14.59
C VAL C 57 12.63 -7.09 14.34
N ARG C 58 13.21 -6.18 15.13
CA ARG C 58 14.67 -5.89 15.03
C ARG C 58 15.44 -7.19 15.36
N LEU C 59 15.02 -7.91 16.37
CA LEU C 59 15.71 -9.16 16.77
C LEU C 59 15.53 -10.21 15.67
N LEU C 60 14.37 -10.24 15.00
CA LEU C 60 14.03 -11.24 13.95
C LEU C 60 14.81 -10.93 12.68
N GLU C 61 15.01 -9.64 12.39
CA GLU C 61 15.95 -9.11 11.37
C GLU C 61 17.37 -9.63 11.67
N GLU C 62 17.90 -9.32 12.85
CA GLU C 62 19.27 -9.74 13.28
C GLU C 62 19.42 -11.26 13.14
N CYS C 63 18.39 -12.03 13.45
CA CYS C 63 18.48 -13.52 13.47
C CYS C 63 18.59 -14.01 12.03
N PRO C 64 19.68 -14.70 11.66
CA PRO C 64 19.86 -15.12 10.27
C PRO C 64 18.95 -16.27 9.83
N LEU C 65 18.17 -16.86 10.75
CA LEU C 65 17.22 -17.95 10.42
C LEU C 65 16.05 -17.39 9.61
N PHE C 66 15.74 -16.09 9.73
CA PHE C 66 14.46 -15.53 9.21
C PHE C 66 14.71 -14.53 8.09
N ASN C 67 13.79 -14.55 7.11
CA ASN C 67 13.81 -13.79 5.84
C ASN C 67 13.42 -12.34 6.15
N ALA C 68 14.37 -11.62 6.74
CA ALA C 68 14.25 -10.20 7.17
C ALA C 68 15.64 -9.81 7.64
N GLY C 69 16.10 -8.59 7.33
CA GLY C 69 17.52 -8.20 7.56
C GLY C 69 18.49 -9.32 7.26
N ILE C 70 19.36 -9.65 8.21
CA ILE C 70 20.34 -10.78 8.05
C ILE C 70 19.54 -12.05 7.75
N GLY C 71 19.83 -12.73 6.64
CA GLY C 71 19.12 -13.94 6.19
C GLY C 71 18.00 -13.64 5.23
N ALA C 72 17.94 -12.39 4.70
CA ALA C 72 17.03 -12.01 3.61
C ALA C 72 17.23 -12.92 2.39
N VAL C 73 16.13 -13.25 1.72
CA VAL C 73 16.13 -13.91 0.39
C VAL C 73 16.85 -12.99 -0.59
N PHE C 74 17.20 -13.57 -1.74
CA PHE C 74 17.94 -12.87 -2.82
C PHE C 74 16.95 -12.53 -3.93
N THR C 75 17.14 -11.37 -4.55
CA THR C 75 16.50 -11.02 -5.85
C THR C 75 17.10 -11.89 -6.95
N ARG C 76 16.48 -11.89 -8.12
CA ARG C 76 16.98 -12.52 -9.37
C ARG C 76 18.42 -12.07 -9.66
N ASP C 77 18.81 -10.86 -9.27
CA ASP C 77 20.16 -10.32 -9.55
C ASP C 77 21.10 -10.63 -8.38
N GLU C 78 20.73 -11.60 -7.54
CA GLU C 78 21.52 -12.01 -6.35
C GLU C 78 21.87 -10.80 -5.47
N THR C 79 20.93 -9.87 -5.33
CA THR C 79 21.05 -8.70 -4.42
C THR C 79 19.99 -8.87 -3.33
N HIS C 80 20.07 -8.05 -2.28
CA HIS C 80 19.00 -7.94 -1.27
C HIS C 80 18.25 -6.62 -1.41
N GLU C 81 16.92 -6.68 -1.38
CA GLU C 81 16.07 -5.48 -1.33
C GLU C 81 15.05 -5.74 -0.23
N LEU C 82 15.08 -4.93 0.82
CA LEU C 82 14.35 -5.21 2.09
C LEU C 82 13.21 -4.22 2.25
N ASP C 83 12.15 -4.69 2.89
CA ASP C 83 10.89 -3.93 3.12
C ASP C 83 10.49 -4.09 4.58
N ALA C 84 9.96 -3.02 5.15
CA ALA C 84 9.48 -3.05 6.56
C ALA C 84 8.37 -2.04 6.73
N CYS C 85 7.54 -2.29 7.73
CA CYS C 85 6.43 -1.43 8.15
C CYS C 85 6.33 -1.54 9.66
N VAL C 86 5.97 -0.44 10.30
CA VAL C 86 5.52 -0.44 11.71
C VAL C 86 4.35 0.52 11.80
N MET C 87 3.34 0.14 12.57
CA MET C 87 2.14 0.96 12.76
C MET C 87 1.80 1.03 14.23
N ASP C 88 1.49 2.25 14.65
CA ASP C 88 1.01 2.59 16.01
C ASP C 88 -0.52 2.66 15.96
N GLY C 89 -1.19 1.69 16.56
CA GLY C 89 -2.66 1.62 16.60
C GLY C 89 -3.29 2.72 17.44
N ASN C 90 -2.48 3.45 18.20
CA ASN C 90 -2.96 4.57 19.05
C ASN C 90 -3.16 5.80 18.15
N THR C 91 -2.09 6.22 17.48
CA THR C 91 -2.09 7.44 16.63
C THR C 91 -2.55 7.09 15.22
N LEU C 92 -2.46 5.80 14.86
CA LEU C 92 -2.59 5.28 13.47
C LEU C 92 -1.46 5.85 12.62
N LYS C 93 -0.39 6.35 13.23
CA LYS C 93 0.83 6.70 12.50
C LYS C 93 1.47 5.39 12.03
N ALA C 94 2.09 5.43 10.87
CA ALA C 94 2.85 4.29 10.38
C ALA C 94 4.12 4.84 9.72
N GLY C 95 5.13 4.01 9.72
CA GLY C 95 6.33 4.28 8.92
C GLY C 95 6.69 3.02 8.15
N ALA C 96 7.20 3.19 6.95
CA ALA C 96 7.52 2.06 6.07
C ALA C 96 8.65 2.45 5.13
N VAL C 97 9.51 1.47 4.89
CA VAL C 97 10.55 1.53 3.83
C VAL C 97 10.39 0.32 2.94
N ALA C 98 10.67 0.49 1.64
CA ALA C 98 10.70 -0.60 0.65
C ALA C 98 11.89 -0.42 -0.28
N GLY C 99 12.51 -1.54 -0.63
CA GLY C 99 13.53 -1.58 -1.69
C GLY C 99 14.81 -0.97 -1.20
N VAL C 100 15.09 -1.14 0.10
CA VAL C 100 16.33 -0.62 0.72
C VAL C 100 17.36 -1.76 0.81
N SER C 101 18.60 -1.45 0.47
CA SER C 101 19.72 -2.41 0.41
C SER C 101 20.87 -2.03 1.35
N HIS C 102 20.87 -0.82 1.95
CA HIS C 102 22.04 -0.27 2.70
C HIS C 102 21.67 0.07 4.14
N LEU C 103 20.55 -0.48 4.64
CA LEU C 103 20.05 -0.23 6.03
C LEU C 103 19.97 -1.58 6.75
N ARG C 104 20.73 -1.74 7.82
CA ARG C 104 20.86 -3.04 8.51
C ARG C 104 19.50 -3.49 9.04
N ASN C 105 18.70 -2.56 9.53
CA ASN C 105 17.44 -2.86 10.25
C ASN C 105 16.30 -2.03 9.65
N PRO C 106 15.72 -2.51 8.52
CA PRO C 106 14.60 -1.83 7.90
C PRO C 106 13.49 -1.41 8.88
N VAL C 107 13.20 -2.20 9.90
CA VAL C 107 12.12 -1.87 10.88
C VAL C 107 12.52 -0.60 11.66
N LEU C 108 13.82 -0.38 11.91
CA LEU C 108 14.33 0.86 12.56
C LEU C 108 14.17 2.03 11.59
N ALA C 109 14.51 1.82 10.29
CA ALA C 109 14.28 2.81 9.21
C ALA C 109 12.80 3.17 9.16
N ALA C 110 11.93 2.16 9.11
CA ALA C 110 10.47 2.38 9.14
C ALA C 110 10.11 3.28 10.34
N ARG C 111 10.55 2.90 11.52
CA ARG C 111 10.26 3.66 12.78
C ARG C 111 10.72 5.11 12.61
N LEU C 112 11.89 5.32 11.99
CA LEU C 112 12.44 6.67 11.79
C LEU C 112 11.50 7.49 10.88
N VAL C 113 10.98 6.87 9.83
CA VAL C 113 10.05 7.51 8.87
C VAL C 113 8.78 7.94 9.63
N MET C 114 8.27 7.06 10.49
CA MET C 114 7.11 7.32 11.37
C MET C 114 7.41 8.50 12.32
N GLU C 115 8.59 8.50 12.93
CA GLU C 115 8.95 9.40 14.07
C GLU C 115 9.52 10.74 13.59
N GLN C 116 10.34 10.76 12.54
CA GLN C 116 11.19 11.94 12.16
C GLN C 116 11.00 12.28 10.66
N SER C 117 9.78 12.04 10.16
CA SER C 117 9.20 12.65 8.95
C SER C 117 7.69 12.77 9.16
N PRO C 118 6.98 13.50 8.29
CA PRO C 118 5.52 13.46 8.27
C PRO C 118 5.01 12.34 7.36
N HIS C 119 5.90 11.53 6.76
CA HIS C 119 5.57 10.51 5.74
C HIS C 119 5.34 9.14 6.37
N VAL C 120 4.66 8.28 5.62
CA VAL C 120 4.30 6.89 6.02
C VAL C 120 5.23 5.95 5.27
N MET C 121 5.50 6.21 3.98
CA MET C 121 6.33 5.30 3.18
C MET C 121 7.42 6.03 2.41
N MET C 122 8.62 5.48 2.44
CA MET C 122 9.80 5.96 1.67
CA MET C 122 9.77 5.96 1.65
C MET C 122 10.44 4.78 0.95
N ILE C 123 10.90 4.97 -0.26
CA ILE C 123 11.51 3.86 -1.03
C ILE C 123 12.95 4.17 -1.40
N GLY C 124 13.76 3.12 -1.43
CA GLY C 124 14.95 3.04 -2.29
C GLY C 124 15.98 4.01 -1.77
N GLU C 125 16.72 4.68 -2.66
CA GLU C 125 17.82 5.59 -2.21
C GLU C 125 17.29 6.76 -1.40
N GLY C 126 16.12 7.32 -1.77
CA GLY C 126 15.36 8.33 -1.00
C GLY C 126 15.18 7.90 0.46
N ALA C 127 14.59 6.72 0.67
CA ALA C 127 14.52 6.06 1.99
C ALA C 127 15.90 6.07 2.68
N GLU C 128 16.95 5.62 1.99
CA GLU C 128 18.31 5.44 2.55
C GLU C 128 18.87 6.81 2.94
N ASN C 129 18.77 7.80 2.04
CA ASN C 129 19.35 9.14 2.25
C ASN C 129 18.66 9.81 3.43
N PHE C 130 17.34 9.65 3.52
CA PHE C 130 16.57 10.10 4.69
C PHE C 130 17.17 9.53 5.98
N ALA C 131 17.50 8.24 5.99
CA ALA C 131 18.00 7.52 7.18
C ALA C 131 19.42 8.00 7.56
N PHE C 132 20.29 8.02 6.55
CA PHE C 132 21.69 8.48 6.67
C PHE C 132 21.73 9.89 7.23
N ALA C 133 20.82 10.76 6.74
CA ALA C 133 20.70 12.18 7.12
C ALA C 133 20.33 12.32 8.61
N ARG C 134 19.84 11.25 9.23
CA ARG C 134 19.38 11.26 10.66
C ARG C 134 20.26 10.30 11.44
N GLY C 135 21.44 9.99 10.88
CA GLY C 135 22.54 9.30 11.57
C GLY C 135 22.44 7.80 11.53
N MET C 136 21.45 7.22 10.85
CA MET C 136 21.42 5.74 10.66
C MET C 136 22.63 5.38 9.81
N GLU C 137 23.34 4.28 10.14
CA GLU C 137 24.60 3.86 9.47
C GLU C 137 24.27 3.21 8.10
N ARG C 138 25.10 3.48 7.11
CA ARG C 138 25.11 2.76 5.79
C ARG C 138 25.81 1.41 5.97
N VAL C 139 25.29 0.33 5.37
CA VAL C 139 25.93 -1.02 5.35
C VAL C 139 25.94 -1.53 3.90
N SER C 140 26.84 -2.45 3.56
CA SER C 140 26.83 -3.04 2.20
C SER C 140 25.86 -4.21 2.22
N PRO C 141 24.98 -4.33 1.20
CA PRO C 141 23.99 -5.42 1.10
C PRO C 141 24.52 -6.84 1.37
N GLU C 142 25.81 -7.10 1.14
CA GLU C 142 26.47 -8.42 1.35
C GLU C 142 26.23 -8.97 2.76
N ILE C 143 25.96 -8.10 3.74
CA ILE C 143 25.91 -8.46 5.19
C ILE C 143 24.66 -9.30 5.47
N PHE C 144 23.66 -9.23 4.60
CA PHE C 144 22.40 -9.98 4.78
C PHE C 144 22.56 -11.38 4.19
N SER C 145 23.56 -11.58 3.33
CA SER C 145 23.74 -12.80 2.48
C SER C 145 24.06 -14.01 3.36
N THR C 146 23.40 -15.13 3.07
CA THR C 146 23.60 -16.42 3.76
C THR C 146 23.67 -17.52 2.70
N SER C 147 24.33 -18.62 3.04
CA SER C 147 24.41 -19.84 2.20
C SER C 147 23.01 -20.38 1.88
N LEU C 148 22.15 -20.50 2.89
CA LEU C 148 20.84 -21.19 2.78
C LEU C 148 19.93 -20.46 1.78
N ARG C 149 19.87 -19.14 1.84
CA ARG C 149 18.96 -18.36 0.95
C ARG C 149 19.53 -18.36 -0.49
N TYR C 150 20.85 -18.31 -0.66
CA TYR C 150 21.51 -18.40 -1.99
C TYR C 150 21.18 -19.74 -2.65
N GLU C 151 21.30 -20.84 -1.89
CA GLU C 151 20.99 -22.21 -2.36
C GLU C 151 19.52 -22.26 -2.80
N GLN C 152 18.62 -21.62 -2.04
CA GLN C 152 17.18 -21.57 -2.38
C GLN C 152 16.97 -20.79 -3.68
N LEU C 153 17.82 -19.79 -3.94
CA LEU C 153 17.79 -18.99 -5.20
C LEU C 153 18.14 -19.91 -6.38
N LEU C 154 19.23 -20.68 -6.25
CA LEU C 154 19.70 -21.67 -7.27
C LEU C 154 18.57 -22.67 -7.52
N ALA C 155 17.92 -23.16 -6.47
CA ALA C 155 16.81 -24.16 -6.52
C ALA C 155 15.57 -23.56 -7.21
N ALA C 156 15.29 -22.27 -6.99
CA ALA C 156 14.16 -21.52 -7.59
C ALA C 156 14.39 -21.39 -9.10
N ARG C 157 15.65 -21.29 -9.54
CA ARG C 157 16.04 -21.15 -10.98
C ARG C 157 15.60 -22.38 -11.78
N LYS C 158 15.63 -23.57 -11.17
CA LYS C 158 15.29 -24.85 -11.85
C LYS C 158 13.98 -25.41 -11.25
N AEI D 1 9.79 -13.08 5.50
CA AEI D 1 9.08 -12.10 6.31
C AEI D 1 9.13 -12.51 7.78
O AEI D 1 9.08 -13.69 8.08
CB AEI D 1 7.62 -11.96 5.92
CG2 AEI D 1 6.95 -10.80 6.61
OG1 AEI D 1 7.55 -11.67 4.52
CD AEI D 1 7.24 -12.79 3.67
OE1 AEI D 1 7.04 -13.93 4.07
CE2 AEI D 1 7.08 -12.47 2.22
CZ AEI D 1 6.16 -11.25 2.25
NH1 AEI D 1 4.79 -11.52 2.70
CH2 AEI D 1 6.17 -10.58 0.89
OT1 AEI D 1 6.85 -9.50 0.85
OT2 AEI D 1 5.47 -11.08 -0.03
N VAL D 2 9.22 -11.50 8.64
CA VAL D 2 9.01 -11.63 10.07
C VAL D 2 8.01 -10.58 10.51
N GLY D 3 7.55 -10.68 11.75
CA GLY D 3 6.46 -9.83 12.23
C GLY D 3 6.39 -9.83 13.73
N ALA D 4 5.75 -8.81 14.25
CA ALA D 4 5.41 -8.69 15.68
C ALA D 4 4.13 -7.90 15.81
N VAL D 5 3.28 -8.35 16.73
CA VAL D 5 2.08 -7.57 17.15
C VAL D 5 2.07 -7.59 18.67
N ALA D 6 1.70 -6.47 19.29
CA ALA D 6 1.69 -6.39 20.76
C ALA D 6 0.52 -5.51 21.21
N LEU D 7 0.03 -5.82 22.41
CA LEU D 7 -0.90 -5.02 23.21
C LEU D 7 -0.21 -4.72 24.54
N ASP D 8 -0.14 -3.45 24.93
CA ASP D 8 0.69 -3.01 26.09
C ASP D 8 -0.25 -2.78 27.29
N LEU D 9 0.34 -2.50 28.44
CA LEU D 9 -0.41 -2.35 29.70
C LEU D 9 -1.23 -1.06 29.66
N ASP D 10 -0.94 -0.15 28.72
CA ASP D 10 -1.78 1.06 28.46
C ASP D 10 -2.92 0.73 27.50
N GLY D 11 -3.01 -0.51 27.01
CA GLY D 11 -4.07 -0.97 26.08
C GLY D 11 -3.82 -0.50 24.66
N ASN D 12 -2.56 -0.22 24.28
CA ASN D 12 -2.19 0.22 22.91
C ASN D 12 -1.78 -1.00 22.09
N LEU D 13 -2.12 -0.98 20.80
CA LEU D 13 -1.77 -2.02 19.79
C LEU D 13 -0.69 -1.44 18.89
N ALA D 14 0.27 -2.27 18.51
CA ALA D 14 1.19 -1.92 17.43
C ALA D 14 1.48 -3.17 16.61
N ALA D 15 1.97 -2.95 15.40
CA ALA D 15 2.31 -4.05 14.46
C ALA D 15 3.61 -3.67 13.78
N ALA D 16 4.41 -4.67 13.41
CA ALA D 16 5.59 -4.46 12.55
C ALA D 16 5.80 -5.68 11.65
N THR D 17 6.26 -5.40 10.44
CA THR D 17 6.62 -6.42 9.46
C THR D 17 7.97 -6.03 8.87
N SER D 18 8.84 -7.00 8.70
CA SER D 18 10.11 -6.78 7.95
C SER D 18 10.33 -8.01 7.08
N THR D 19 10.97 -7.85 5.92
CA THR D 19 11.12 -8.97 4.96
C THR D 19 12.26 -8.72 3.98
N GLY D 20 12.87 -9.80 3.45
CA GLY D 20 13.72 -9.74 2.23
C GLY D 20 12.88 -9.86 0.95
N GLY D 21 11.60 -10.21 1.10
CA GLY D 21 10.60 -10.40 0.04
C GLY D 21 10.49 -11.86 -0.36
N LEU D 22 10.25 -12.09 -1.65
CA LEU D 22 10.18 -13.46 -2.24
C LEU D 22 11.49 -13.77 -2.97
N THR D 23 12.09 -14.93 -2.69
CA THR D 23 13.28 -15.48 -3.39
C THR D 23 13.13 -15.32 -4.92
N ASN D 24 14.16 -14.77 -5.56
CA ASN D 24 14.24 -14.62 -7.02
C ASN D 24 13.25 -13.57 -7.53
N LYS D 25 12.73 -12.68 -6.67
CA LYS D 25 11.86 -11.58 -7.14
C LYS D 25 12.62 -10.73 -8.17
N LEU D 26 11.90 -10.13 -9.12
CA LEU D 26 12.41 -9.01 -9.94
C LEU D 26 12.89 -7.93 -8.97
N PRO D 27 14.12 -7.40 -9.15
CA PRO D 27 14.53 -6.16 -8.50
C PRO D 27 13.48 -5.05 -8.65
N GLY D 28 13.11 -4.36 -7.57
CA GLY D 28 12.05 -3.34 -7.60
C GLY D 28 10.69 -3.90 -7.19
N ARG D 29 10.57 -5.19 -6.94
CA ARG D 29 9.27 -5.78 -6.56
C ARG D 29 8.99 -5.42 -5.10
N VAL D 30 7.77 -4.98 -4.84
CA VAL D 30 7.26 -4.74 -3.46
C VAL D 30 6.11 -5.69 -3.20
N GLY D 31 6.18 -6.47 -2.13
CA GLY D 31 5.07 -7.24 -1.58
C GLY D 31 4.30 -6.45 -0.52
N ASP D 32 3.56 -7.19 0.29
CA ASP D 32 2.57 -6.64 1.23
C ASP D 32 3.29 -6.02 2.41
N SER D 33 4.52 -6.47 2.72
CA SER D 33 5.19 -6.24 4.02
C SER D 33 5.26 -4.75 4.36
N PRO D 34 5.66 -3.84 3.43
CA PRO D 34 5.72 -2.41 3.77
C PRO D 34 4.42 -1.64 3.49
N LEU D 35 3.35 -2.35 3.11
CA LEU D 35 2.11 -1.70 2.62
C LEU D 35 1.12 -1.76 3.77
N VAL D 36 0.81 -0.58 4.29
CA VAL D 36 -0.15 -0.43 5.39
C VAL D 36 -1.47 -1.06 4.95
N GLY D 37 -1.98 -1.95 5.80
CA GLY D 37 -3.25 -2.68 5.61
C GLY D 37 -3.11 -3.90 4.70
N ALA D 38 -1.97 -4.08 4.03
CA ALA D 38 -1.65 -5.33 3.27
C ALA D 38 -0.91 -6.29 4.20
N GLY D 39 0.31 -5.95 4.64
CA GLY D 39 1.13 -6.87 5.44
C GLY D 39 1.27 -6.45 6.89
N CYS D 40 0.83 -5.23 7.20
CA CYS D 40 1.03 -4.60 8.53
C CYS D 40 -0.13 -3.65 8.76
N TYR D 41 -0.79 -3.77 9.91
CA TYR D 41 -1.87 -2.82 10.31
C TYR D 41 -2.02 -2.84 11.83
N ALA D 42 -2.34 -1.71 12.43
CA ALA D 42 -2.65 -1.66 13.88
C ALA D 42 -3.58 -0.49 14.11
N ASN D 43 -4.67 -0.78 14.82
CA ASN D 43 -5.70 0.20 15.17
C ASN D 43 -6.26 -0.23 16.53
N ASN D 44 -6.15 0.64 17.54
CA ASN D 44 -6.65 0.34 18.92
C ASN D 44 -8.15 -0.02 18.87
N ALA D 45 -8.86 0.50 17.88
CA ALA D 45 -10.31 0.20 17.74
C ALA D 45 -10.55 -1.25 17.34
N SER D 46 -9.51 -1.92 16.86
CA SER D 46 -9.75 -3.28 16.28
C SER D 46 -8.62 -4.25 16.58
N VAL D 47 -7.53 -4.09 15.82
CA VAL D 47 -6.50 -5.17 15.85
C VAL D 47 -5.16 -4.69 15.32
N ALA D 48 -4.13 -5.41 15.74
CA ALA D 48 -2.75 -5.28 15.22
C ALA D 48 -2.48 -6.57 14.44
N VAL D 49 -2.08 -6.44 13.18
CA VAL D 49 -1.82 -7.60 12.30
C VAL D 49 -0.44 -7.47 11.64
N SER D 50 0.28 -8.58 11.55
CA SER D 50 1.47 -8.72 10.70
C SER D 50 1.34 -10.00 9.90
N CYS D 51 1.67 -9.92 8.61
CA CYS D 51 1.38 -10.96 7.61
C CYS D 51 2.67 -11.58 7.08
N THR D 52 2.53 -12.76 6.51
CA THR D 52 3.64 -13.45 5.81
C THR D 52 2.99 -14.29 4.71
N GLY D 53 3.56 -14.35 3.52
CA GLY D 53 3.01 -15.22 2.45
C GLY D 53 3.12 -14.68 1.05
N THR D 54 2.14 -15.03 0.20
CA THR D 54 2.11 -14.59 -1.22
C THR D 54 1.79 -13.10 -1.20
N GLY D 55 2.81 -12.25 -1.22
CA GLY D 55 2.60 -10.81 -0.98
C GLY D 55 1.64 -10.18 -1.95
N GLU D 56 1.60 -10.65 -3.18
CA GLU D 56 0.76 -10.06 -4.24
C GLU D 56 -0.70 -10.26 -3.84
N VAL D 57 -1.02 -11.41 -3.26
CA VAL D 57 -2.42 -11.75 -2.87
C VAL D 57 -2.78 -10.96 -1.61
N PHE D 58 -1.83 -10.87 -0.68
CA PHE D 58 -2.00 -10.08 0.54
C PHE D 58 -2.30 -8.63 0.15
N ILE D 59 -1.66 -8.10 -0.89
CA ILE D 59 -1.93 -6.71 -1.34
C ILE D 59 -3.33 -6.66 -1.94
N ARG D 60 -3.63 -7.55 -2.89
CA ARG D 60 -4.91 -7.52 -3.62
C ARG D 60 -6.10 -7.66 -2.64
N ALA D 61 -5.95 -8.51 -1.61
CA ALA D 61 -6.97 -8.86 -0.59
C ALA D 61 -6.94 -7.88 0.60
N LEU D 62 -5.91 -7.04 0.62
N LEU D 62 -6.00 -6.93 0.65
CA LEU D 62 -5.62 -6.10 1.75
CA LEU D 62 -5.74 -6.04 1.83
C LEU D 62 -5.84 -6.83 3.07
C LEU D 62 -5.87 -6.85 3.11
N ALA D 63 -5.15 -7.97 3.19
CA ALA D 63 -5.38 -9.00 4.24
C ALA D 63 -5.49 -8.35 5.64
N ALA D 64 -4.48 -7.58 6.03
CA ALA D 64 -4.35 -7.01 7.40
C ALA D 64 -5.56 -6.13 7.73
N TYR D 65 -5.92 -5.19 6.87
CA TYR D 65 -7.02 -4.26 7.16
C TYR D 65 -8.35 -5.02 7.11
N ASP D 66 -8.46 -6.00 6.23
CA ASP D 66 -9.69 -6.82 6.09
C ASP D 66 -10.01 -7.53 7.40
N ILE D 67 -9.00 -8.01 8.14
CA ILE D 67 -9.19 -8.56 9.51
C ILE D 67 -9.83 -7.44 10.35
N ALA D 68 -9.23 -6.26 10.32
CA ALA D 68 -9.68 -5.09 11.10
C ALA D 68 -11.14 -4.75 10.71
N ALA D 69 -11.44 -4.75 9.41
CA ALA D 69 -12.72 -4.31 8.85
C ALA D 69 -13.79 -5.39 9.09
N LEU D 70 -13.42 -6.67 9.04
CA LEU D 70 -14.35 -7.78 9.32
C LEU D 70 -14.74 -7.73 10.80
N MET D 71 -13.76 -7.45 11.65
CA MET D 71 -14.05 -7.33 13.10
C MET D 71 -14.90 -6.08 13.34
N ASP D 72 -14.42 -4.93 12.84
CA ASP D 72 -14.97 -3.62 13.26
C ASP D 72 -16.34 -3.41 12.62
N TYR D 73 -16.51 -3.75 11.34
CA TYR D 73 -17.77 -3.51 10.58
C TYR D 73 -18.60 -4.80 10.56
N GLY D 74 -17.97 -5.96 10.29
CA GLY D 74 -18.65 -7.26 10.18
C GLY D 74 -19.04 -7.87 11.52
N GLY D 75 -18.48 -7.35 12.62
CA GLY D 75 -18.80 -7.82 13.98
C GLY D 75 -18.23 -9.20 14.25
N LEU D 76 -17.30 -9.65 13.41
CA LEU D 76 -16.66 -10.97 13.60
C LEU D 76 -15.76 -10.89 14.83
N SER D 77 -15.53 -12.03 15.46
CA SER D 77 -14.40 -12.23 16.39
C SER D 77 -13.12 -12.23 15.56
N LEU D 78 -12.00 -12.01 16.24
CA LEU D 78 -10.64 -12.18 15.66
C LEU D 78 -10.54 -13.56 14.98
N ALA D 79 -11.01 -14.62 15.66
CA ALA D 79 -10.87 -16.02 15.20
C ALA D 79 -11.62 -16.17 13.88
N GLU D 80 -12.89 -15.76 13.87
CA GLU D 80 -13.75 -15.75 12.67
C GLU D 80 -13.05 -14.97 11.54
N ALA D 81 -12.53 -13.77 11.83
CA ALA D 81 -11.97 -12.87 10.79
C ALA D 81 -10.71 -13.52 10.22
N CYS D 82 -9.94 -14.15 11.08
CA CYS D 82 -8.66 -14.79 10.71
C CYS D 82 -8.94 -15.99 9.81
N GLU D 83 -9.89 -16.82 10.21
CA GLU D 83 -10.36 -18.00 9.45
C GLU D 83 -10.83 -17.50 8.09
N ARG D 84 -11.77 -16.56 8.07
CA ARG D 84 -12.35 -16.00 6.82
C ARG D 84 -11.20 -15.56 5.91
N VAL D 85 -10.29 -14.74 6.42
CA VAL D 85 -9.22 -14.14 5.57
C VAL D 85 -8.24 -15.23 5.13
N VAL D 86 -7.64 -15.98 6.05
CA VAL D 86 -6.46 -16.85 5.79
C VAL D 86 -6.93 -18.17 5.15
N MET D 87 -8.04 -18.74 5.63
CA MET D 87 -8.46 -20.11 5.25
C MET D 87 -9.41 -20.06 4.06
N GLU D 88 -10.02 -18.90 3.76
CA GLU D 88 -11.03 -18.82 2.68
C GLU D 88 -10.60 -17.83 1.59
N LYS D 89 -10.44 -16.56 1.93
CA LYS D 89 -10.32 -15.48 0.93
C LYS D 89 -8.95 -15.55 0.26
N LEU D 90 -7.89 -15.76 1.03
CA LEU D 90 -6.52 -15.78 0.48
C LEU D 90 -6.35 -17.02 -0.38
N PRO D 91 -6.74 -18.23 0.07
CA PRO D 91 -6.74 -19.38 -0.83
C PRO D 91 -7.59 -19.14 -2.09
N ALA D 92 -8.79 -18.59 -1.93
CA ALA D 92 -9.70 -18.26 -3.05
C ALA D 92 -8.95 -17.50 -4.15
N LEU D 93 -7.96 -16.66 -3.78
CA LEU D 93 -7.16 -15.89 -4.76
C LEU D 93 -5.83 -16.60 -5.06
N GLY D 94 -5.64 -17.82 -4.57
CA GLY D 94 -4.36 -18.55 -4.68
C GLY D 94 -3.28 -17.94 -3.79
N GLY D 95 -3.67 -17.30 -2.69
CA GLY D 95 -2.70 -16.76 -1.70
C GLY D 95 -2.37 -17.82 -0.66
N SER D 96 -1.09 -18.04 -0.40
CA SER D 96 -0.67 -18.95 0.70
C SER D 96 0.14 -18.14 1.69
N GLY D 97 0.00 -18.45 2.97
CA GLY D 97 0.70 -17.73 4.04
C GLY D 97 -0.14 -17.73 5.29
N GLY D 98 0.15 -16.77 6.15
CA GLY D 98 -0.60 -16.58 7.39
C GLY D 98 -0.33 -15.22 7.97
N LEU D 99 -0.73 -15.05 9.20
CA LEU D 99 -0.51 -13.78 9.90
C LEU D 99 -0.70 -14.01 11.39
N ILE D 100 -0.27 -13.02 12.16
CA ILE D 100 -0.44 -12.91 13.63
C ILE D 100 -1.28 -11.67 13.90
N ALA D 101 -2.22 -11.80 14.81
CA ALA D 101 -3.20 -10.75 15.13
C ALA D 101 -3.45 -10.78 16.64
N ILE D 102 -3.53 -9.58 17.22
CA ILE D 102 -4.02 -9.30 18.60
C ILE D 102 -5.09 -8.23 18.47
N ASP D 103 -6.25 -8.44 19.10
CA ASP D 103 -7.37 -7.45 19.13
C ASP D 103 -7.27 -6.65 20.42
N HIS D 104 -8.04 -5.57 20.49
CA HIS D 104 -7.89 -4.50 21.51
C HIS D 104 -8.07 -5.09 22.90
N GLU D 105 -8.76 -6.24 23.01
CA GLU D 105 -9.03 -6.94 24.30
C GLU D 105 -7.98 -8.02 24.60
N GLY D 106 -6.99 -8.22 23.72
CA GLY D 106 -5.84 -9.10 23.98
C GLY D 106 -6.10 -10.54 23.58
N ASN D 107 -7.13 -10.80 22.78
CA ASN D 107 -7.27 -12.07 22.02
C ASN D 107 -6.13 -12.18 21.01
N VAL D 108 -5.51 -13.36 20.91
CA VAL D 108 -4.36 -13.55 19.98
CA VAL D 108 -4.33 -13.60 20.01
C VAL D 108 -4.73 -14.68 18.99
N ALA D 109 -4.33 -14.53 17.73
CA ALA D 109 -4.58 -15.51 16.65
C ALA D 109 -3.34 -15.63 15.76
N LEU D 110 -3.03 -16.83 15.29
CA LEU D 110 -1.83 -17.08 14.44
C LEU D 110 -2.20 -18.00 13.29
N PRO D 111 -3.18 -17.62 12.46
CA PRO D 111 -3.65 -18.46 11.36
C PRO D 111 -2.61 -18.60 10.24
N PHE D 112 -2.52 -19.78 9.66
CA PHE D 112 -1.73 -19.98 8.42
C PHE D 112 -2.36 -21.15 7.66
N ASN D 113 -2.29 -21.08 6.33
CA ASN D 113 -2.86 -22.08 5.40
C ASN D 113 -1.69 -22.84 4.77
N THR D 114 -0.48 -22.59 5.25
CA THR D 114 0.77 -23.23 4.76
C THR D 114 1.05 -24.44 5.67
N GLU D 115 2.08 -25.21 5.33
CA GLU D 115 2.51 -26.38 6.13
C GLU D 115 2.96 -25.88 7.51
N GLY D 116 3.67 -24.75 7.53
CA GLY D 116 4.27 -24.21 8.74
C GLY D 116 4.16 -22.71 8.80
N MET D 117 4.24 -22.17 10.02
CA MET D 117 4.53 -20.75 10.23
C MET D 117 5.29 -20.65 11.54
N TYR D 118 6.57 -20.28 11.44
CA TYR D 118 7.43 -19.93 12.58
C TYR D 118 6.71 -18.88 13.41
N ARG D 119 6.37 -19.21 14.65
CA ARG D 119 5.54 -18.30 15.46
C ARG D 119 5.76 -18.52 16.94
N ALA D 120 5.43 -17.48 17.69
CA ALA D 120 5.38 -17.53 19.16
C ALA D 120 4.39 -16.48 19.65
N TRP D 121 3.96 -16.65 20.88
CA TRP D 121 3.07 -15.71 21.58
C TRP D 121 3.18 -15.95 23.08
N GLY D 122 2.76 -14.98 23.86
CA GLY D 122 2.92 -15.02 25.33
C GLY D 122 2.34 -13.78 25.95
N TYR D 123 1.39 -13.99 26.87
CA TYR D 123 0.82 -12.94 27.76
C TYR D 123 1.92 -12.51 28.73
N ALA D 124 2.07 -11.20 28.96
CA ALA D 124 2.98 -10.64 29.99
C ALA D 124 2.70 -11.36 31.32
N GLY D 125 3.76 -11.84 31.97
CA GLY D 125 3.68 -12.58 33.26
C GLY D 125 3.27 -14.03 33.08
N ASP D 126 3.36 -14.55 31.85
CA ASP D 126 2.97 -15.94 31.50
C ASP D 126 4.12 -16.59 30.71
N THR D 127 4.04 -17.88 30.50
CA THR D 127 5.09 -18.63 29.75
C THR D 127 4.68 -18.60 28.26
N PRO D 128 5.64 -18.40 27.33
CA PRO D 128 5.29 -18.23 25.92
C PRO D 128 5.05 -19.59 25.24
N THR D 129 4.26 -19.58 24.16
CA THR D 129 4.02 -20.77 23.30
C THR D 129 4.73 -20.54 21.96
N THR D 130 5.43 -21.55 21.47
CA THR D 130 6.16 -21.50 20.19
C THR D 130 5.51 -22.53 19.26
N GLY D 131 5.69 -22.37 17.96
CA GLY D 131 5.15 -23.30 16.95
C GLY D 131 5.86 -23.19 15.62
N ILE D 132 5.80 -24.28 14.84
CA ILE D 132 6.29 -24.34 13.44
C ILE D 132 5.17 -24.91 12.57
N TYR D 133 4.66 -26.09 12.91
CA TYR D 133 3.68 -26.85 12.11
C TYR D 133 2.25 -26.56 12.59
N ARG D 134 1.29 -27.26 11.99
CA ARG D 134 -0.17 -27.02 12.15
C ARG D 134 -0.62 -27.49 13.54
N GLU D 135 -1.48 -26.69 14.21
CA GLU D 135 -2.08 -26.92 15.56
C GLU D 135 -1.23 -26.24 16.65
NA NA E . -0.48 15.64 -16.68
MG MG F . 5.92 19.77 -14.73
MG MG G . -11.61 -2.78 -23.90
NA NA H . 16.86 -12.19 9.75
CL CL I . 4.83 -27.06 16.07
#